data_5FSR
#
_entry.id   5FSR
#
_cell.length_a   35.252
_cell.length_b   55.996
_cell.length_c   108.137
_cell.angle_alpha   104.88
_cell.angle_beta   95.24
_cell.angle_gamma   90.60
#
_symmetry.space_group_name_H-M   'P 1'
#
loop_
_entity.id
_entity.type
_entity.pdbx_description
1 polymer 'D-ALANYL-D-ALANINE CARBOXYPEPTIDASE DACD'
2 water water
#
_entity_poly.entity_id   1
_entity_poly.type   'polypeptide(L)'
_entity_poly.pdbx_seq_one_letter_code
;MGSSHHHHHHSSGENLYFQGHMAENIPFSPQPPEIHAGSWVLMDYTTGQILTAGNEHQQRNPASLTKLMTGYVVDRAIDS
HRITPDDIVTVGRDAWAKDNPVFVGSSLMFLKEGDRVSVRDLSRGLIVDSGNDACVALADYIAGGQRQFVEMMNNYAEKL
HLKDTHFETVHGLDAPGQHSSAYDLAVLSRAIIHGEPEFYHMYSEKSLTWNGITQQNRNGLLWDKTMNVDGLKTGHTSGA
GFNLIASAVDGQRRLIAVVMGADSAKGREEEARKLLRWGQQNFTTVQILHRGKKVGTERIWYGDKENIDLGTEQEFWMVL
PKAEIPHIKAKYTLDGKELTAPISAHQRVGEIELYDRDKQVAHWPLVTLESVGEG
;
_entity_poly.pdbx_strand_id   A,B
#
# COMPACT_ATOMS: atom_id res chain seq x y z
N HIS A 9 -6.66 -29.37 -18.13
CA HIS A 9 -6.04 -30.63 -17.64
C HIS A 9 -4.80 -30.29 -16.81
N HIS A 10 -4.38 -31.24 -15.99
CA HIS A 10 -3.14 -31.19 -15.25
C HIS A 10 -2.48 -32.56 -15.29
N SER A 11 -1.21 -32.61 -15.68
CA SER A 11 -0.44 -33.86 -15.70
C SER A 11 0.11 -34.19 -14.33
N GLU A 24 10.85 -34.64 -21.99
CA GLU A 24 12.28 -34.35 -21.84
C GLU A 24 12.73 -33.08 -22.57
N ASN A 25 12.32 -32.96 -23.83
CA ASN A 25 12.79 -31.90 -24.73
C ASN A 25 11.86 -31.66 -25.93
N ILE A 26 11.69 -30.39 -26.30
CA ILE A 26 10.72 -29.96 -27.30
C ILE A 26 11.36 -29.98 -28.69
N PRO A 27 10.79 -30.77 -29.62
CA PRO A 27 11.44 -30.94 -30.91
C PRO A 27 11.23 -29.70 -31.75
N PHE A 28 12.24 -29.35 -32.56
CA PHE A 28 12.14 -28.19 -33.44
C PHE A 28 11.76 -26.86 -32.71
N SER A 29 12.22 -26.72 -31.47
CA SER A 29 11.91 -25.53 -30.70
C SER A 29 12.73 -24.38 -31.25
N PRO A 30 12.09 -23.25 -31.60
CA PRO A 30 12.88 -22.09 -32.04
C PRO A 30 13.90 -21.59 -30.97
N GLN A 31 14.80 -20.72 -31.39
CA GLN A 31 15.89 -20.25 -30.54
C GLN A 31 15.32 -19.38 -29.43
N PRO A 32 15.76 -19.58 -28.17
CA PRO A 32 15.24 -18.75 -27.04
C PRO A 32 15.77 -17.34 -27.09
N PRO A 33 15.00 -16.36 -26.60
CA PRO A 33 15.57 -15.01 -26.49
C PRO A 33 16.64 -14.97 -25.39
N GLU A 34 17.60 -14.06 -25.54
CA GLU A 34 18.63 -13.85 -24.51
C GLU A 34 17.91 -13.25 -23.31
N ILE A 35 18.30 -13.69 -22.11
CA ILE A 35 17.61 -13.30 -20.86
C ILE A 35 18.61 -12.66 -19.93
N HIS A 36 18.37 -11.40 -19.59
CA HIS A 36 19.21 -10.66 -18.64
C HIS A 36 18.74 -10.93 -17.21
N ALA A 37 19.25 -12.00 -16.63
CA ALA A 37 19.01 -12.34 -15.18
C ALA A 37 19.94 -13.46 -14.73
N GLY A 38 20.00 -13.68 -13.43
CA GLY A 38 20.75 -14.79 -12.88
C GLY A 38 20.22 -16.15 -13.34
N SER A 39 18.91 -16.33 -13.30
CA SER A 39 18.25 -17.61 -13.52
C SER A 39 16.86 -17.39 -14.06
N TRP A 40 16.35 -18.39 -14.80
CA TRP A 40 14.98 -18.35 -15.34
C TRP A 40 14.41 -19.71 -15.75
N VAL A 41 13.08 -19.78 -15.68
CA VAL A 41 12.29 -20.93 -16.06
C VAL A 41 10.99 -20.39 -16.67
N LEU A 42 10.66 -20.84 -17.88
CA LEU A 42 9.31 -20.65 -18.45
C LEU A 42 8.72 -22.04 -18.56
N MET A 43 7.61 -22.28 -17.87
CA MET A 43 7.06 -23.60 -17.73
C MET A 43 5.61 -23.63 -18.20
N ASP A 44 5.21 -24.76 -18.77
CA ASP A 44 3.80 -24.99 -19.12
C ASP A 44 3.01 -25.56 -17.96
N TYR A 45 1.78 -25.11 -17.79
CA TYR A 45 1.01 -25.46 -16.60
C TYR A 45 0.47 -26.87 -16.74
N THR A 46 -0.28 -27.08 -17.81
CA THR A 46 -0.94 -28.37 -18.06
C THR A 46 0.03 -29.54 -17.87
N THR A 47 1.27 -29.42 -18.36
CA THR A 47 2.22 -30.53 -18.48
C THR A 47 3.43 -30.47 -17.57
N GLY A 48 3.76 -29.26 -17.11
CA GLY A 48 4.98 -29.05 -16.37
C GLY A 48 6.24 -29.00 -17.19
N GLN A 49 6.09 -28.96 -18.52
CA GLN A 49 7.20 -28.92 -19.43
C GLN A 49 7.93 -27.55 -19.47
N ILE A 50 9.24 -27.58 -19.27
CA ILE A 50 10.07 -26.40 -19.42
C ILE A 50 10.29 -26.04 -20.90
N LEU A 51 9.75 -24.88 -21.30
CA LEU A 51 9.93 -24.31 -22.63
C LEU A 51 11.32 -23.69 -22.84
N THR A 52 11.86 -23.00 -21.83
CA THR A 52 13.27 -22.57 -21.81
C THR A 52 13.72 -22.28 -20.37
N ALA A 53 15.03 -22.23 -20.14
CA ALA A 53 15.58 -22.13 -18.79
C ALA A 53 17.08 -21.90 -18.78
N GLY A 54 17.55 -21.01 -17.89
CA GLY A 54 18.98 -20.78 -17.65
C GLY A 54 19.27 -20.88 -16.17
N ASN A 55 20.33 -21.63 -15.80
CA ASN A 55 20.84 -21.69 -14.43
C ASN A 55 19.72 -21.97 -13.41
N GLU A 56 18.82 -22.87 -13.78
CA GLU A 56 17.55 -23.02 -13.08
C GLU A 56 17.62 -23.71 -11.71
N HIS A 57 18.73 -24.43 -11.46
CA HIS A 57 18.89 -25.20 -10.23
C HIS A 57 19.84 -24.50 -9.25
N GLN A 58 20.46 -23.39 -9.64
CA GLN A 58 21.31 -22.67 -8.70
C GLN A 58 20.50 -22.27 -7.45
N GLN A 59 21.10 -22.54 -6.28
CA GLN A 59 20.53 -22.17 -5.00
C GLN A 59 20.70 -20.66 -4.81
N ARG A 60 19.58 -20.00 -4.60
CA ARG A 60 19.49 -18.55 -4.43
C ARG A 60 18.50 -18.30 -3.32
N ASN A 61 18.79 -17.33 -2.47
CA ASN A 61 17.85 -16.91 -1.44
C ASN A 61 16.58 -16.34 -2.08
N PRO A 62 15.40 -16.96 -1.83
CA PRO A 62 14.13 -16.45 -2.38
C PRO A 62 13.56 -15.15 -1.76
N ALA A 63 14.03 -14.75 -0.57
CA ALA A 63 13.49 -13.60 0.18
C ALA A 63 11.98 -13.77 0.40
N SER A 64 11.15 -12.76 0.10
CA SER A 64 9.69 -12.85 0.35
C SER A 64 8.98 -13.99 -0.39
N LEU A 65 9.56 -14.48 -1.48
CA LEU A 65 9.00 -15.58 -2.24
C LEU A 65 8.77 -16.85 -1.43
N THR A 66 9.52 -17.03 -0.36
CA THR A 66 9.15 -18.00 0.66
C THR A 66 7.63 -17.98 1.00
N LYS A 67 6.98 -16.83 0.94
CA LYS A 67 5.52 -16.72 1.20
C LYS A 67 4.63 -17.45 0.25
N LEU A 68 5.13 -17.86 -0.92
CA LEU A 68 4.36 -18.76 -1.78
C LEU A 68 4.14 -20.06 -1.07
N MET A 69 5.20 -20.61 -0.48
CA MET A 69 5.09 -21.85 0.32
C MET A 69 4.18 -21.68 1.51
N THR A 70 4.24 -20.51 2.15
CA THR A 70 3.45 -20.24 3.35
C THR A 70 1.99 -20.32 2.95
N GLY A 71 1.61 -19.64 1.87
CA GLY A 71 0.23 -19.75 1.35
C GLY A 71 -0.16 -21.19 0.97
N TYR A 72 0.81 -21.97 0.52
CA TYR A 72 0.56 -23.32 0.06
C TYR A 72 0.21 -24.18 1.24
N VAL A 73 0.96 -24.09 2.33
CA VAL A 73 0.55 -24.80 3.58
C VAL A 73 -0.90 -24.44 3.99
N VAL A 74 -1.27 -23.16 3.87
CA VAL A 74 -2.64 -22.71 4.20
C VAL A 74 -3.66 -23.36 3.31
N ASP A 75 -3.40 -23.32 1.99
CA ASP A 75 -4.20 -24.04 0.99
C ASP A 75 -4.39 -25.51 1.34
N ARG A 76 -3.31 -26.17 1.68
CA ARG A 76 -3.36 -27.63 1.96
C ARG A 76 -4.07 -27.91 3.27
N ALA A 77 -3.97 -26.97 4.23
CA ALA A 77 -4.75 -27.07 5.47
C ALA A 77 -6.24 -26.97 5.20
N ILE A 78 -6.64 -26.11 4.28
CA ILE A 78 -8.07 -26.03 3.86
C ILE A 78 -8.53 -27.28 3.08
N ASP A 79 -7.67 -27.76 2.19
CA ASP A 79 -7.98 -28.86 1.30
C ASP A 79 -8.23 -30.19 2.06
N SER A 80 -7.48 -30.42 3.14
CA SER A 80 -7.67 -31.59 4.05
C SER A 80 -8.71 -31.40 5.20
N HIS A 81 -9.33 -30.21 5.27
CA HIS A 81 -10.47 -29.91 6.17
C HIS A 81 -10.05 -29.72 7.63
N ARG A 82 -8.75 -29.55 7.85
CA ARG A 82 -8.17 -29.27 9.16
C ARG A 82 -8.51 -27.82 9.55
N ILE A 83 -8.55 -26.92 8.57
CA ILE A 83 -9.14 -25.58 8.72
C ILE A 83 -10.15 -25.27 7.61
N THR A 84 -10.79 -24.11 7.72
CA THR A 84 -11.83 -23.61 6.82
C THR A 84 -11.52 -22.12 6.69
N PRO A 85 -11.85 -21.49 5.53
CA PRO A 85 -11.52 -20.06 5.36
C PRO A 85 -12.36 -19.12 6.25
N ASP A 86 -13.54 -19.58 6.66
CA ASP A 86 -14.42 -18.88 7.65
C ASP A 86 -13.99 -18.92 9.12
N ASP A 87 -13.02 -19.78 9.44
CA ASP A 87 -12.52 -19.90 10.80
C ASP A 87 -12.00 -18.55 11.32
N ILE A 88 -12.41 -18.21 12.55
CA ILE A 88 -12.10 -16.92 13.20
C ILE A 88 -10.88 -17.09 14.10
N VAL A 89 -9.81 -16.42 13.74
CA VAL A 89 -8.53 -16.61 14.33
C VAL A 89 -8.24 -15.41 15.20
N THR A 90 -7.60 -15.65 16.32
CA THR A 90 -7.29 -14.57 17.23
C THR A 90 -5.81 -14.30 17.12
N VAL A 91 -5.46 -13.02 17.02
CA VAL A 91 -4.11 -12.57 16.75
C VAL A 91 -3.42 -12.53 18.12
N GLY A 92 -2.38 -13.33 18.33
CA GLY A 92 -1.48 -13.23 19.48
C GLY A 92 -0.52 -12.06 19.32
N ARG A 93 0.24 -11.76 20.36
CA ARG A 93 1.24 -10.66 20.33
C ARG A 93 2.39 -10.99 19.39
N ASP A 94 2.67 -12.29 19.23
CA ASP A 94 3.36 -12.86 18.05
C ASP A 94 3.16 -12.16 16.69
N ALA A 95 1.91 -11.92 16.35
CA ALA A 95 1.51 -11.42 15.04
C ALA A 95 1.31 -9.90 14.99
N TRP A 96 1.91 -9.19 15.96
CA TRP A 96 1.74 -7.75 16.13
C TRP A 96 3.11 -7.08 15.95
N ALA A 97 3.21 -6.13 15.00
CA ALA A 97 4.52 -5.53 14.64
C ALA A 97 5.10 -4.60 15.70
N LYS A 98 4.23 -3.95 16.46
CA LYS A 98 4.68 -3.23 17.65
C LYS A 98 5.48 -4.19 18.55
N ASP A 99 6.68 -3.79 18.94
CA ASP A 99 7.54 -4.58 19.87
C ASP A 99 8.34 -5.73 19.22
N ASN A 100 8.05 -6.09 17.95
CA ASN A 100 8.78 -7.12 17.22
C ASN A 100 9.79 -6.52 16.21
N PRO A 101 11.08 -6.37 16.58
CA PRO A 101 12.07 -5.87 15.62
C PRO A 101 12.17 -6.68 14.32
N VAL A 102 11.85 -7.98 14.39
CA VAL A 102 11.78 -8.83 13.19
C VAL A 102 10.97 -8.11 12.09
N PHE A 103 9.89 -7.43 12.45
CA PHE A 103 8.94 -6.85 11.46
C PHE A 103 9.23 -5.44 10.89
N VAL A 104 9.88 -4.55 11.65
CA VAL A 104 9.88 -3.11 11.26
C VAL A 104 10.55 -2.91 9.89
N GLY A 105 9.90 -2.15 9.01
CA GLY A 105 10.38 -1.96 7.63
C GLY A 105 9.70 -2.88 6.64
N SER A 106 9.26 -4.04 7.12
CA SER A 106 8.65 -5.07 6.31
C SER A 106 7.19 -4.74 6.06
N SER A 107 6.59 -5.53 5.16
CA SER A 107 5.21 -5.35 4.73
C SER A 107 4.25 -6.03 5.71
N LEU A 108 3.10 -5.37 5.98
CA LEU A 108 2.21 -5.77 7.06
C LEU A 108 0.73 -5.67 6.65
N MET A 109 -0.10 -6.53 7.25
CA MET A 109 -1.55 -6.37 7.23
C MET A 109 -2.01 -5.37 8.31
N PHE A 110 -1.13 -5.16 9.31
CA PHE A 110 -1.37 -4.25 10.44
C PHE A 110 -2.48 -4.80 11.33
N LEU A 111 -2.24 -6.03 11.77
CA LEU A 111 -3.08 -6.71 12.75
C LEU A 111 -2.68 -6.26 14.15
N LYS A 112 -3.63 -6.26 15.07
CA LYS A 112 -3.37 -5.93 16.48
C LYS A 112 -3.72 -7.14 17.34
N GLU A 113 -2.95 -7.37 18.40
CA GLU A 113 -3.30 -8.38 19.40
C GLU A 113 -4.76 -8.25 19.86
N GLY A 114 -5.45 -9.39 19.89
CA GLY A 114 -6.87 -9.45 20.21
C GLY A 114 -7.82 -9.30 19.03
N ASP A 115 -7.30 -8.90 17.87
CA ASP A 115 -8.09 -8.93 16.65
C ASP A 115 -8.51 -10.36 16.31
N ARG A 116 -9.79 -10.48 15.96
CA ARG A 116 -10.40 -11.73 15.57
C ARG A 116 -10.68 -11.63 14.06
N VAL A 117 -9.98 -12.47 13.28
CA VAL A 117 -9.92 -12.35 11.81
C VAL A 117 -10.13 -13.73 11.15
N SER A 118 -10.81 -13.74 9.99
CA SER A 118 -11.03 -14.99 9.24
C SER A 118 -9.69 -15.50 8.70
N VAL A 119 -9.60 -16.82 8.50
CA VAL A 119 -8.56 -17.44 7.68
C VAL A 119 -8.53 -16.78 6.30
N ARG A 120 -9.68 -16.58 5.68
CA ARG A 120 -9.79 -15.87 4.41
C ARG A 120 -9.12 -14.50 4.38
N ASP A 121 -9.48 -13.64 5.36
CA ASP A 121 -8.90 -12.29 5.42
C ASP A 121 -7.43 -12.30 5.80
N LEU A 122 -6.98 -13.30 6.57
CA LEU A 122 -5.55 -13.48 6.82
C LEU A 122 -4.77 -13.94 5.51
N SER A 123 -5.38 -14.85 4.75
CA SER A 123 -4.88 -15.26 3.42
C SER A 123 -4.78 -14.08 2.46
N ARG A 124 -5.74 -13.16 2.50
CA ARG A 124 -5.63 -11.94 1.68
C ARG A 124 -4.47 -11.03 2.15
N GLY A 125 -4.34 -10.84 3.45
CA GLY A 125 -3.20 -10.09 4.00
C GLY A 125 -1.83 -10.65 3.61
N LEU A 126 -1.71 -11.97 3.67
CA LEU A 126 -0.53 -12.71 3.18
C LEU A 126 -0.24 -12.41 1.71
N ILE A 127 -1.27 -12.52 0.89
CA ILE A 127 -1.10 -12.56 -0.56
C ILE A 127 -1.04 -11.13 -1.09
N VAL A 128 -2.08 -10.36 -0.79
CA VAL A 128 -2.22 -9.03 -1.35
C VAL A 128 -1.25 -8.04 -0.68
N ASP A 129 -1.15 -8.08 0.64
CA ASP A 129 -0.20 -7.19 1.37
C ASP A 129 1.19 -7.78 1.53
N SER A 130 1.34 -9.09 1.32
CA SER A 130 2.58 -9.79 1.66
C SER A 130 2.87 -9.63 3.16
N GLY A 131 1.84 -9.86 3.98
CA GLY A 131 1.84 -9.47 5.40
C GLY A 131 2.60 -10.45 6.21
N ASN A 132 3.68 -9.99 6.83
CA ASN A 132 4.52 -10.85 7.65
C ASN A 132 3.83 -11.23 8.96
N ASP A 133 3.12 -10.26 9.55
CA ASP A 133 2.23 -10.49 10.68
C ASP A 133 1.18 -11.57 10.40
N ALA A 134 0.57 -11.50 9.22
CA ALA A 134 -0.43 -12.50 8.80
C ALA A 134 0.13 -13.93 8.73
N CYS A 135 1.40 -14.06 8.34
CA CYS A 135 2.08 -15.37 8.27
C CYS A 135 2.16 -15.97 9.66
N VAL A 136 2.63 -15.16 10.60
CA VAL A 136 2.75 -15.64 11.98
C VAL A 136 1.39 -16.11 12.55
N ALA A 137 0.35 -15.34 12.29
CA ALA A 137 -0.98 -15.64 12.85
C ALA A 137 -1.56 -16.90 12.24
N LEU A 138 -1.37 -17.07 10.92
CA LEU A 138 -1.78 -18.27 10.24
C LEU A 138 -0.95 -19.47 10.73
N ALA A 139 0.35 -19.28 10.87
CA ALA A 139 1.24 -20.33 11.38
C ALA A 139 0.80 -20.83 12.74
N ASP A 140 0.65 -19.93 13.71
CA ASP A 140 0.17 -20.34 15.07
C ASP A 140 -1.14 -21.07 14.99
N TYR A 141 -2.07 -20.56 14.19
CA TYR A 141 -3.36 -21.24 14.07
C TYR A 141 -3.21 -22.65 13.46
N ILE A 142 -2.41 -22.77 12.41
CA ILE A 142 -2.30 -24.04 11.64
C ILE A 142 -1.46 -25.14 12.30
N ALA A 143 -0.29 -24.81 12.79
CA ALA A 143 0.59 -25.79 13.40
C ALA A 143 0.72 -25.71 14.94
N GLY A 144 0.17 -24.66 15.55
CA GLY A 144 0.37 -24.41 16.97
C GLY A 144 1.58 -23.52 17.22
N GLY A 145 2.40 -23.30 16.19
CA GLY A 145 3.60 -22.48 16.34
C GLY A 145 4.49 -22.31 15.11
N GLN A 146 5.37 -21.30 15.19
CA GLN A 146 6.24 -20.94 14.08
C GLN A 146 7.10 -22.12 13.59
N ARG A 147 7.86 -22.75 14.48
CA ARG A 147 8.79 -23.82 14.08
C ARG A 147 8.12 -25.09 13.52
N GLN A 148 6.87 -25.37 13.93
CA GLN A 148 6.13 -26.54 13.46
C GLN A 148 5.57 -26.26 12.10
N PHE A 149 5.38 -24.99 11.80
CA PHE A 149 4.87 -24.56 10.51
C PHE A 149 5.97 -24.71 9.45
N VAL A 150 7.20 -24.39 9.86
CA VAL A 150 8.40 -24.52 9.04
C VAL A 150 8.69 -26.02 8.81
N GLU A 151 8.28 -26.84 9.77
CA GLU A 151 8.39 -28.29 9.62
C GLU A 151 7.47 -28.70 8.49
N MET A 152 6.24 -28.18 8.49
CA MET A 152 5.28 -28.43 7.42
C MET A 152 5.70 -27.84 6.09
N MET A 153 6.30 -26.65 6.09
CA MET A 153 6.84 -26.03 4.88
C MET A 153 7.92 -26.89 4.21
N ASN A 154 8.74 -27.53 5.04
CA ASN A 154 9.81 -28.42 4.60
C ASN A 154 9.30 -29.78 4.19
N ASN A 155 8.25 -30.25 4.86
CA ASN A 155 7.54 -31.46 4.42
C ASN A 155 6.86 -31.31 3.04
N TYR A 156 6.39 -30.11 2.70
CA TYR A 156 5.69 -29.89 1.43
C TYR A 156 6.68 -29.55 0.33
N ALA A 157 7.84 -29.00 0.66
CA ALA A 157 8.92 -28.94 -0.32
C ALA A 157 9.41 -30.35 -0.65
N GLU A 158 9.51 -31.22 0.35
CA GLU A 158 10.00 -32.60 0.12
C GLU A 158 8.99 -33.46 -0.65
N LYS A 159 7.69 -33.37 -0.34
CA LYS A 159 6.64 -34.06 -1.13
C LYS A 159 6.61 -33.64 -2.60
N LEU A 160 6.80 -32.35 -2.85
CA LEU A 160 6.75 -31.76 -4.16
C LEU A 160 8.09 -31.90 -4.91
N HIS A 161 9.10 -32.50 -4.26
CA HIS A 161 10.43 -32.72 -4.81
C HIS A 161 11.15 -31.42 -5.11
N LEU A 162 11.10 -30.49 -4.15
CA LEU A 162 11.86 -29.24 -4.25
C LEU A 162 13.26 -29.50 -3.65
N LYS A 163 14.11 -30.13 -4.48
CA LYS A 163 15.38 -30.69 -4.05
C LYS A 163 16.44 -29.63 -3.70
N ASP A 164 16.25 -28.42 -4.18
CA ASP A 164 17.14 -27.30 -3.92
C ASP A 164 16.62 -26.40 -2.82
N THR A 165 15.55 -26.81 -2.13
CA THR A 165 14.75 -25.87 -1.30
C THR A 165 14.76 -26.21 0.22
N HIS A 166 14.98 -25.19 1.03
CA HIS A 166 14.89 -25.32 2.50
C HIS A 166 14.44 -24.00 3.12
N PHE A 167 13.55 -24.10 4.09
CA PHE A 167 13.01 -22.91 4.76
C PHE A 167 13.48 -22.90 6.22
N GLU A 168 13.55 -21.70 6.79
CA GLU A 168 13.77 -21.50 8.25
C GLU A 168 12.67 -20.72 8.96
N THR A 169 12.04 -19.72 8.31
CA THR A 169 11.04 -18.89 9.00
C THR A 169 9.78 -18.86 8.18
N VAL A 170 8.64 -18.50 8.82
CA VAL A 170 7.29 -18.52 8.17
C VAL A 170 7.01 -17.40 7.14
N HIS A 171 7.89 -16.42 7.07
CA HIS A 171 7.73 -15.26 6.22
C HIS A 171 8.98 -14.91 5.37
N GLY A 172 10.10 -15.61 5.55
CA GLY A 172 11.34 -15.35 4.80
C GLY A 172 12.26 -14.32 5.41
N LEU A 173 11.73 -13.52 6.33
CA LEU A 173 12.57 -12.64 7.16
C LEU A 173 13.50 -13.40 8.10
N ASP A 174 14.58 -12.74 8.51
CA ASP A 174 15.60 -13.28 9.41
C ASP A 174 15.82 -14.78 9.21
N ALA A 175 16.14 -15.12 7.95
CA ALA A 175 16.35 -16.50 7.52
C ALA A 175 17.50 -16.63 6.49
N PRO A 176 18.76 -16.48 6.95
CA PRO A 176 19.92 -16.62 6.03
C PRO A 176 20.19 -18.06 5.55
N GLY A 177 19.64 -19.05 6.24
CA GLY A 177 19.74 -20.43 5.81
C GLY A 177 18.80 -20.78 4.68
N GLN A 178 17.64 -20.13 4.59
CA GLN A 178 16.67 -20.51 3.55
C GLN A 178 17.25 -20.41 2.11
N HIS A 179 16.76 -21.26 1.22
CA HIS A 179 17.18 -21.25 -0.18
C HIS A 179 16.15 -21.95 -1.07
N SER A 180 16.14 -21.58 -2.35
CA SER A 180 15.40 -22.28 -3.38
C SER A 180 16.11 -22.10 -4.72
N SER A 181 15.39 -22.43 -5.79
CA SER A 181 15.91 -22.36 -7.18
C SER A 181 14.77 -21.89 -8.06
N ALA A 182 15.12 -21.31 -9.19
CA ALA A 182 14.14 -20.89 -10.18
C ALA A 182 13.20 -22.04 -10.51
N TYR A 183 13.79 -23.19 -10.85
CA TYR A 183 13.03 -24.41 -11.10
C TYR A 183 12.10 -24.84 -9.99
N ASP A 184 12.62 -24.99 -8.77
CA ASP A 184 11.76 -25.33 -7.60
C ASP A 184 10.57 -24.38 -7.39
N LEU A 185 10.73 -23.10 -7.69
CA LEU A 185 9.66 -22.10 -7.48
C LEU A 185 8.65 -22.18 -8.63
N ALA A 186 9.15 -22.48 -9.83
CA ALA A 186 8.25 -22.87 -10.94
C ALA A 186 7.36 -24.06 -10.56
N VAL A 187 7.98 -25.09 -9.99
CA VAL A 187 7.24 -26.27 -9.55
C VAL A 187 6.24 -25.98 -8.41
N LEU A 188 6.67 -25.12 -7.48
CA LEU A 188 5.84 -24.78 -6.35
C LEU A 188 4.72 -23.94 -6.88
N SER A 189 5.02 -23.05 -7.82
CA SER A 189 3.95 -22.20 -8.37
C SER A 189 2.89 -23.01 -9.10
N ARG A 190 3.32 -24.02 -9.89
CA ARG A 190 2.36 -24.91 -10.54
C ARG A 190 1.48 -25.64 -9.54
N ALA A 191 2.02 -26.03 -8.39
CA ALA A 191 1.23 -26.72 -7.34
C ALA A 191 0.17 -25.80 -6.67
N ILE A 192 0.58 -24.56 -6.37
CA ILE A 192 -0.29 -23.45 -5.99
C ILE A 192 -1.44 -23.17 -6.96
N ILE A 193 -1.14 -22.96 -8.26
CA ILE A 193 -2.20 -22.78 -9.25
C ILE A 193 -3.13 -24.00 -9.24
N HIS A 194 -2.61 -25.20 -9.00
CA HIS A 194 -3.40 -26.47 -9.04
C HIS A 194 -4.12 -26.87 -7.71
N GLY A 195 -4.09 -26.01 -6.71
CA GLY A 195 -4.66 -26.35 -5.43
C GLY A 195 -6.08 -25.84 -5.40
N GLU A 196 -6.47 -25.30 -4.23
CA GLU A 196 -7.82 -24.85 -4.04
C GLU A 196 -8.19 -23.66 -4.97
N PRO A 197 -9.30 -23.76 -5.70
CA PRO A 197 -9.50 -22.73 -6.77
C PRO A 197 -9.55 -21.27 -6.28
N GLU A 198 -10.30 -21.04 -5.20
CA GLU A 198 -10.49 -19.69 -4.64
C GLU A 198 -9.31 -19.24 -3.83
N PHE A 199 -8.34 -20.11 -3.56
CA PHE A 199 -7.15 -19.65 -2.93
C PHE A 199 -6.33 -18.92 -3.98
N TYR A 200 -6.04 -19.62 -5.07
CA TYR A 200 -5.18 -19.05 -6.11
C TYR A 200 -5.73 -17.71 -6.56
N HIS A 201 -7.06 -17.60 -6.71
CA HIS A 201 -7.71 -16.35 -7.18
C HIS A 201 -7.30 -15.10 -6.39
N MET A 202 -6.99 -15.25 -5.11
CA MET A 202 -6.54 -14.13 -4.28
C MET A 202 -5.22 -13.52 -4.77
N TYR A 203 -4.46 -14.24 -5.61
CA TYR A 203 -3.26 -13.64 -6.22
C TYR A 203 -3.59 -12.59 -7.23
N SER A 204 -4.78 -12.63 -7.80
CA SER A 204 -5.24 -11.60 -8.69
C SER A 204 -5.96 -10.39 -8.05
N GLU A 205 -6.25 -10.40 -6.75
CA GLU A 205 -6.98 -9.25 -6.16
C GLU A 205 -6.05 -8.05 -6.08
N LYS A 206 -6.53 -6.92 -6.55
CA LYS A 206 -5.63 -5.74 -6.67
C LYS A 206 -5.41 -4.97 -5.38
N SER A 207 -6.32 -5.08 -4.39
CA SER A 207 -6.24 -4.31 -3.14
C SER A 207 -6.87 -5.01 -1.93
N LEU A 208 -6.37 -4.65 -0.75
CA LEU A 208 -7.00 -5.06 0.48
C LEU A 208 -7.10 -3.85 1.44
N THR A 209 -8.31 -3.61 1.95
CA THR A 209 -8.51 -2.72 3.07
C THR A 209 -8.57 -3.60 4.31
N TRP A 210 -7.74 -3.28 5.30
CA TRP A 210 -7.82 -3.89 6.61
C TRP A 210 -7.59 -2.89 7.73
N ASN A 211 -8.44 -2.94 8.75
CA ASN A 211 -8.43 -2.01 9.89
C ASN A 211 -8.13 -0.56 9.42
N GLY A 212 -8.93 -0.10 8.47
CA GLY A 212 -8.84 1.28 7.95
C GLY A 212 -7.71 1.59 6.98
N ILE A 213 -6.80 0.66 6.73
CA ILE A 213 -5.65 0.87 5.83
C ILE A 213 -5.82 0.06 4.54
N THR A 214 -5.74 0.74 3.41
CA THR A 214 -5.78 0.12 2.09
C THR A 214 -4.37 0.06 1.51
N GLN A 215 -4.02 -1.10 0.94
CA GLN A 215 -2.72 -1.35 0.33
C GLN A 215 -2.85 -2.06 -1.04
N GLN A 216 -1.87 -1.84 -1.91
CA GLN A 216 -1.90 -2.39 -3.29
C GLN A 216 -1.11 -3.68 -3.41
N ASN A 217 -1.68 -4.64 -4.15
CA ASN A 217 -0.91 -5.80 -4.59
C ASN A 217 0.38 -5.31 -5.26
N ARG A 218 1.51 -5.85 -4.85
CA ARG A 218 2.84 -5.39 -5.29
C ARG A 218 3.23 -5.97 -6.66
N ASN A 219 2.41 -6.87 -7.20
CA ASN A 219 2.67 -7.44 -8.52
C ASN A 219 2.16 -6.52 -9.62
N GLY A 220 3.06 -5.70 -10.15
CA GLY A 220 2.73 -4.78 -11.23
C GLY A 220 2.13 -5.40 -12.48
N LEU A 221 2.54 -6.62 -12.82
CA LEU A 221 2.07 -7.26 -14.05
C LEU A 221 0.55 -7.50 -14.10
N LEU A 222 -0.12 -7.55 -12.96
CA LEU A 222 -1.60 -7.64 -12.90
C LEU A 222 -2.36 -6.57 -13.71
N TRP A 223 -1.79 -5.36 -13.84
CA TRP A 223 -2.39 -4.24 -14.59
C TRP A 223 -1.89 -4.14 -16.03
N ASP A 224 -1.24 -5.19 -16.54
CA ASP A 224 -0.74 -5.18 -17.92
C ASP A 224 -1.92 -5.24 -18.86
N LYS A 225 -1.94 -4.32 -19.82
CA LYS A 225 -3.04 -4.19 -20.79
C LYS A 225 -2.70 -4.87 -22.13
N THR A 226 -1.87 -5.91 -22.09
CA THR A 226 -1.58 -6.73 -23.26
C THR A 226 -1.61 -8.25 -23.02
N MET A 227 -1.91 -8.69 -21.79
CA MET A 227 -2.00 -10.13 -21.41
C MET A 227 -3.05 -10.32 -20.29
N ASN A 228 -3.31 -11.59 -19.94
CA ASN A 228 -4.18 -11.98 -18.85
C ASN A 228 -3.30 -12.60 -17.77
N VAL A 229 -2.51 -11.75 -17.11
CA VAL A 229 -1.61 -12.17 -16.02
C VAL A 229 -2.37 -12.10 -14.69
N ASP A 230 -2.43 -13.23 -13.99
CA ASP A 230 -3.11 -13.28 -12.70
C ASP A 230 -2.05 -13.72 -11.65
N GLY A 231 -0.82 -13.22 -11.91
CA GLY A 231 0.51 -13.78 -11.60
C GLY A 231 0.70 -14.05 -10.16
N LEU A 232 1.95 -14.21 -9.71
CA LEU A 232 2.17 -14.59 -8.32
C LEU A 232 2.79 -13.47 -7.45
N LYS A 233 4.07 -13.16 -7.63
CA LYS A 233 4.78 -12.36 -6.67
C LYS A 233 6.14 -11.87 -7.21
N THR A 234 6.48 -10.65 -6.79
CA THR A 234 7.75 -10.01 -7.10
C THR A 234 8.57 -9.88 -5.81
N GLY A 235 9.89 -9.74 -5.93
CA GLY A 235 10.71 -9.64 -4.75
C GLY A 235 12.15 -9.27 -5.01
N HIS A 236 12.86 -9.12 -3.91
CA HIS A 236 14.24 -8.72 -3.93
C HIS A 236 15.04 -9.40 -2.80
N THR A 237 16.28 -9.74 -3.16
CA THR A 237 17.19 -10.48 -2.31
C THR A 237 18.39 -9.58 -2.18
N SER A 238 18.55 -8.96 -1.01
CA SER A 238 19.73 -8.19 -0.63
C SER A 238 21.03 -8.69 -1.31
N GLY A 239 21.57 -7.87 -2.22
CA GLY A 239 22.83 -8.15 -2.94
C GLY A 239 22.84 -9.30 -3.94
N ALA A 240 21.66 -9.72 -4.39
CA ALA A 240 21.51 -10.79 -5.37
C ALA A 240 20.37 -10.52 -6.35
N GLY A 241 20.01 -9.24 -6.52
CA GLY A 241 19.05 -8.82 -7.53
C GLY A 241 17.57 -9.03 -7.25
N PHE A 242 16.82 -8.93 -8.34
CA PHE A 242 15.39 -8.78 -8.33
C PHE A 242 14.74 -10.03 -8.97
N ASN A 243 13.63 -10.45 -8.40
CA ASN A 243 13.02 -11.73 -8.67
C ASN A 243 11.54 -11.56 -9.00
N LEU A 244 10.96 -12.55 -9.67
CA LEU A 244 9.55 -12.51 -10.09
C LEU A 244 8.97 -13.91 -10.37
N ILE A 245 7.66 -14.04 -10.14
CA ILE A 245 6.88 -15.21 -10.51
C ILE A 245 5.55 -14.68 -11.09
N ALA A 246 5.44 -14.71 -12.44
CA ALA A 246 4.22 -14.41 -13.15
C ALA A 246 3.62 -15.67 -13.81
N SER A 247 2.33 -15.60 -14.09
CA SER A 247 1.63 -16.67 -14.76
C SER A 247 0.52 -16.03 -15.58
N ALA A 248 0.38 -16.46 -16.82
CA ALA A 248 -0.50 -15.84 -17.79
C ALA A 248 -1.34 -16.90 -18.47
N VAL A 249 -2.59 -16.56 -18.72
CA VAL A 249 -3.51 -17.38 -19.43
C VAL A 249 -3.63 -16.81 -20.85
N ASP A 250 -3.96 -17.66 -21.79
CA ASP A 250 -4.41 -17.23 -23.12
C ASP A 250 -5.25 -18.41 -23.62
N GLY A 251 -6.55 -18.20 -23.67
CA GLY A 251 -7.50 -19.26 -23.99
C GLY A 251 -7.44 -20.34 -22.94
N GLN A 252 -7.07 -21.55 -23.35
CA GLN A 252 -7.18 -22.76 -22.54
C GLN A 252 -5.78 -23.26 -22.06
N ARG A 253 -4.85 -22.33 -21.87
CA ARG A 253 -3.43 -22.62 -21.67
C ARG A 253 -2.78 -21.56 -20.75
N ARG A 254 -1.84 -22.02 -19.94
CA ARG A 254 -1.23 -21.21 -18.93
C ARG A 254 0.25 -21.47 -18.89
N LEU A 255 1.02 -20.38 -18.76
CA LEU A 255 2.47 -20.39 -18.62
C LEU A 255 2.89 -19.81 -17.30
N ILE A 256 4.05 -20.21 -16.84
CA ILE A 256 4.59 -19.77 -15.61
C ILE A 256 6.02 -19.31 -15.90
N ALA A 257 6.29 -18.00 -15.77
CA ALA A 257 7.63 -17.46 -15.88
C ALA A 257 8.24 -17.12 -14.51
N VAL A 258 9.36 -17.76 -14.16
CA VAL A 258 10.16 -17.39 -12.99
C VAL A 258 11.38 -16.66 -13.51
N VAL A 259 11.64 -15.48 -12.95
CA VAL A 259 12.88 -14.76 -13.22
C VAL A 259 13.58 -14.50 -11.89
N MET A 260 14.89 -14.66 -11.83
CA MET A 260 15.66 -14.45 -10.60
C MET A 260 17.02 -13.79 -10.86
N GLY A 261 17.30 -12.74 -10.09
CA GLY A 261 18.56 -12.01 -10.20
C GLY A 261 18.63 -11.01 -11.34
N ALA A 262 17.49 -10.44 -11.75
CA ALA A 262 17.50 -9.37 -12.76
C ALA A 262 18.11 -8.10 -12.16
N ASP A 263 18.73 -7.27 -13.02
CA ASP A 263 19.45 -6.01 -12.62
C ASP A 263 18.64 -5.04 -11.73
N SER A 264 17.36 -4.98 -12.02
CA SER A 264 16.51 -3.88 -11.62
C SER A 264 15.10 -4.38 -11.70
N ALA A 265 14.21 -3.68 -10.99
CA ALA A 265 12.80 -4.02 -10.95
C ALA A 265 12.17 -3.93 -12.33
N LYS A 266 12.64 -2.99 -13.14
CA LYS A 266 12.12 -2.82 -14.51
C LYS A 266 12.57 -3.96 -15.41
N GLY A 267 13.79 -4.43 -15.20
CA GLY A 267 14.33 -5.58 -15.90
C GLY A 267 13.45 -6.81 -15.77
N ARG A 268 13.17 -7.23 -14.53
CA ARG A 268 12.41 -8.45 -14.26
C ARG A 268 10.98 -8.37 -14.79
N GLU A 269 10.41 -7.18 -14.85
CA GLU A 269 9.10 -7.02 -15.50
C GLU A 269 9.24 -7.29 -17.02
N GLU A 270 10.26 -6.70 -17.63
CA GLU A 270 10.49 -6.82 -19.08
C GLU A 270 11.01 -8.21 -19.50
N GLU A 271 11.83 -8.83 -18.64
CA GLU A 271 12.36 -10.15 -18.91
C GLU A 271 11.28 -11.20 -18.72
N ALA A 272 10.45 -11.05 -17.68
CA ALA A 272 9.32 -11.96 -17.42
C ALA A 272 8.24 -11.94 -18.50
N ARG A 273 7.89 -10.75 -18.96
CA ARG A 273 6.95 -10.55 -20.07
C ARG A 273 7.59 -10.81 -21.45
N LYS A 274 8.92 -10.74 -21.57
CA LYS A 274 9.62 -11.22 -22.78
C LYS A 274 9.55 -12.76 -22.85
N LEU A 275 9.66 -13.43 -21.71
CA LEU A 275 9.60 -14.89 -21.67
C LEU A 275 8.21 -15.41 -22.02
N LEU A 276 7.21 -14.89 -21.31
CA LEU A 276 5.79 -15.21 -21.52
C LEU A 276 5.24 -14.83 -22.90
N ARG A 277 5.73 -13.74 -23.44
CA ARG A 277 5.34 -13.38 -24.80
C ARG A 277 5.90 -14.37 -25.83
N TRP A 278 7.15 -14.79 -25.64
CA TRP A 278 7.82 -15.76 -26.54
C TRP A 278 7.16 -17.12 -26.36
N GLY A 279 6.75 -17.43 -25.13
CA GLY A 279 5.97 -18.62 -24.90
C GLY A 279 4.67 -18.60 -25.65
N GLN A 280 3.96 -17.48 -25.57
CA GLN A 280 2.56 -17.37 -26.04
C GLN A 280 2.42 -17.41 -27.55
N GLN A 281 3.37 -16.78 -28.25
CA GLN A 281 3.32 -16.62 -29.70
C GLN A 281 3.85 -17.82 -30.50
N ASN A 282 4.84 -18.52 -29.92
CA ASN A 282 5.61 -19.55 -30.62
C ASN A 282 5.30 -21.03 -30.30
N PHE A 283 4.55 -21.27 -29.23
CA PHE A 283 4.17 -22.58 -28.77
C PHE A 283 2.66 -22.67 -28.49
N THR A 284 2.17 -23.90 -28.49
CA THR A 284 0.81 -24.27 -28.15
C THR A 284 0.96 -25.49 -27.22
N THR A 285 -0.07 -25.76 -26.42
CA THR A 285 -0.20 -26.99 -25.63
C THR A 285 -1.42 -27.72 -26.18
N VAL A 286 -1.25 -28.96 -26.62
CA VAL A 286 -2.31 -29.68 -27.38
C VAL A 286 -2.63 -31.00 -26.76
N GLN A 287 -3.85 -31.46 -27.00
CA GLN A 287 -4.23 -32.81 -26.64
C GLN A 287 -3.82 -33.73 -27.80
N ILE A 288 -2.92 -34.65 -27.51
CA ILE A 288 -2.47 -35.62 -28.49
C ILE A 288 -3.45 -36.79 -28.36
N LEU A 289 -3.44 -37.44 -27.18
CA LEU A 289 -4.28 -38.64 -26.93
C LEU A 289 -5.61 -38.35 -26.20
N HIS A 290 -6.57 -39.28 -26.36
CA HIS A 290 -7.89 -39.24 -25.68
C HIS A 290 -8.49 -40.64 -25.47
N ARG A 291 -9.21 -41.18 -26.47
CA ARG A 291 -10.06 -42.38 -26.32
C ARG A 291 -10.27 -43.15 -27.65
N GLY A 292 -9.41 -42.97 -28.66
CA GLY A 292 -9.81 -43.38 -30.00
C GLY A 292 -8.78 -43.85 -31.01
N LYS A 293 -9.27 -44.03 -32.24
CA LYS A 293 -8.52 -44.52 -33.40
C LYS A 293 -7.10 -43.97 -33.44
N LYS A 294 -6.09 -44.82 -33.50
CA LYS A 294 -4.69 -44.38 -33.23
C LYS A 294 -3.67 -44.91 -34.23
N THR A 312 -6.13 -45.44 -27.64
CA THR A 312 -5.48 -45.46 -26.35
C THR A 312 -6.45 -45.45 -25.19
N GLU A 313 -5.90 -45.85 -24.05
CA GLU A 313 -6.51 -45.71 -22.73
C GLU A 313 -6.10 -44.36 -22.10
N GLN A 314 -4.89 -43.90 -22.40
CA GLN A 314 -4.36 -42.63 -21.85
C GLN A 314 -4.94 -41.37 -22.54
N GLU A 315 -5.09 -40.32 -21.76
CA GLU A 315 -5.16 -38.95 -22.29
C GLU A 315 -3.72 -38.40 -22.22
N PHE A 316 -3.25 -37.79 -23.30
CA PHE A 316 -1.88 -37.21 -23.30
C PHE A 316 -1.75 -35.86 -24.01
N TRP A 317 -1.10 -34.92 -23.31
CA TRP A 317 -0.94 -33.52 -23.71
C TRP A 317 0.52 -33.20 -23.86
N MET A 318 0.81 -32.29 -24.77
CA MET A 318 2.18 -32.01 -25.17
C MET A 318 2.38 -30.53 -25.54
N VAL A 319 3.57 -30.01 -25.26
CA VAL A 319 3.94 -28.66 -25.69
C VAL A 319 4.68 -28.76 -27.04
N LEU A 320 4.14 -28.09 -28.05
CA LEU A 320 4.73 -28.08 -29.42
C LEU A 320 4.83 -26.67 -29.99
N PRO A 321 5.88 -26.39 -30.81
CA PRO A 321 5.84 -25.14 -31.56
C PRO A 321 4.65 -25.09 -32.50
N LYS A 322 4.11 -23.91 -32.70
CA LYS A 322 2.92 -23.74 -33.54
C LYS A 322 3.21 -24.14 -34.99
N ALA A 323 4.41 -23.84 -35.47
CA ALA A 323 4.80 -24.23 -36.80
C ALA A 323 4.81 -25.75 -36.96
N GLU A 324 4.97 -26.49 -35.86
CA GLU A 324 4.94 -27.96 -35.89
C GLU A 324 3.56 -28.68 -35.91
N ILE A 325 2.47 -27.94 -35.67
CA ILE A 325 1.14 -28.53 -35.61
C ILE A 325 0.74 -29.23 -36.91
N PRO A 326 0.95 -28.59 -38.07
CA PRO A 326 0.65 -29.32 -39.31
C PRO A 326 1.56 -30.52 -39.64
N HIS A 327 2.68 -30.67 -38.94
CA HIS A 327 3.63 -31.75 -39.16
C HIS A 327 3.60 -32.91 -38.16
N ILE A 328 2.62 -32.95 -37.23
CA ILE A 328 2.53 -34.02 -36.23
C ILE A 328 1.67 -35.16 -36.77
N LYS A 329 2.15 -36.39 -36.67
CA LYS A 329 1.44 -37.56 -37.20
C LYS A 329 1.58 -38.69 -36.22
N ALA A 330 0.53 -39.49 -36.09
CA ALA A 330 0.49 -40.62 -35.16
C ALA A 330 0.57 -41.95 -35.92
N LYS A 331 1.78 -42.47 -36.06
CA LYS A 331 1.99 -43.80 -36.67
C LYS A 331 1.96 -44.87 -35.58
N ALA A 345 -11.11 -59.53 -25.86
CA ALA A 345 -10.19 -58.92 -24.92
C ALA A 345 -10.39 -57.38 -24.79
N HIS A 346 -9.84 -56.82 -23.71
CA HIS A 346 -9.95 -55.38 -23.41
C HIS A 346 -8.70 -54.56 -23.77
N GLN A 347 -7.52 -55.17 -23.61
CA GLN A 347 -6.24 -54.51 -23.90
C GLN A 347 -5.75 -54.82 -25.32
N ARG A 348 -4.46 -54.64 -25.58
CA ARG A 348 -3.88 -54.97 -26.89
C ARG A 348 -2.36 -54.81 -26.92
N VAL A 349 -1.79 -55.15 -28.08
CA VAL A 349 -0.37 -55.36 -28.29
C VAL A 349 0.17 -54.77 -29.60
N GLY A 350 0.18 -53.44 -29.68
CA GLY A 350 1.16 -52.73 -30.51
C GLY A 350 1.74 -51.56 -29.75
N GLU A 351 2.25 -50.57 -30.46
CA GLU A 351 2.51 -49.24 -29.87
C GLU A 351 2.35 -48.09 -30.89
N ILE A 352 1.95 -46.94 -30.34
CA ILE A 352 1.75 -45.70 -31.07
C ILE A 352 3.06 -44.92 -31.05
N GLU A 353 3.42 -44.37 -32.21
CA GLU A 353 4.72 -43.73 -32.41
C GLU A 353 4.43 -42.34 -33.00
N LEU A 354 4.55 -41.31 -32.17
CA LEU A 354 4.16 -39.96 -32.57
C LEU A 354 5.30 -39.31 -33.30
N TYR A 355 5.04 -38.81 -34.51
CA TYR A 355 6.03 -38.12 -35.35
C TYR A 355 5.77 -36.62 -35.41
N ASP A 356 6.87 -35.85 -35.39
CA ASP A 356 6.91 -34.47 -35.82
C ASP A 356 7.87 -34.40 -37.04
N ARG A 357 7.32 -34.05 -38.20
CA ARG A 357 8.01 -34.19 -39.50
C ARG A 357 8.43 -35.67 -39.68
N ASP A 358 9.74 -35.93 -39.76
CA ASP A 358 10.32 -37.25 -39.92
C ASP A 358 11.08 -37.68 -38.65
N LYS A 359 10.73 -37.11 -37.49
CA LYS A 359 11.37 -37.47 -36.23
C LYS A 359 10.33 -37.94 -35.23
N GLN A 360 10.55 -39.12 -34.67
CA GLN A 360 9.71 -39.71 -33.64
C GLN A 360 9.93 -38.93 -32.36
N VAL A 361 8.86 -38.60 -31.66
CA VAL A 361 8.95 -37.93 -30.35
C VAL A 361 7.85 -38.54 -29.45
N ALA A 362 8.27 -39.37 -28.50
CA ALA A 362 7.37 -40.13 -27.65
C ALA A 362 6.67 -41.29 -28.34
N HIS A 363 6.13 -42.15 -27.49
CA HIS A 363 5.69 -43.50 -27.88
C HIS A 363 4.93 -44.12 -26.69
N TRP A 364 3.80 -44.79 -26.97
CA TRP A 364 2.92 -45.35 -25.92
C TRP A 364 2.22 -46.56 -26.50
N PRO A 365 1.74 -47.49 -25.65
CA PRO A 365 1.14 -48.71 -26.16
C PRO A 365 -0.16 -48.53 -26.96
N LEU A 366 -0.49 -49.55 -27.76
CA LEU A 366 -1.66 -49.55 -28.65
C LEU A 366 -2.66 -50.64 -28.23
N VAL A 367 -3.92 -50.23 -28.06
CA VAL A 367 -4.95 -50.98 -27.33
C VAL A 367 -6.25 -51.01 -28.14
N THR A 368 -6.98 -52.12 -28.15
CA THR A 368 -8.26 -52.22 -28.89
C THR A 368 -8.15 -51.72 -30.36
N HIS B 9 -13.77 34.06 11.37
CA HIS B 9 -12.53 34.90 11.49
C HIS B 9 -11.29 34.01 11.49
N HIS B 10 -10.16 34.61 11.18
CA HIS B 10 -8.84 33.97 11.27
C HIS B 10 -7.84 34.97 11.85
N SER B 11 -7.12 34.57 12.90
CA SER B 11 -6.11 35.43 13.52
C SER B 11 -4.78 35.33 12.78
N GLU B 24 -1.84 33.09 25.15
CA GLU B 24 -0.72 32.19 25.53
C GLU B 24 -1.19 30.87 26.15
N ASN B 25 -2.13 30.96 27.09
CA ASN B 25 -2.55 29.80 27.91
C ASN B 25 -3.94 30.02 28.55
N ILE B 26 -4.74 28.95 28.58
CA ILE B 26 -6.18 29.08 28.81
C ILE B 26 -6.51 29.02 30.29
N PRO B 27 -7.15 30.08 30.84
CA PRO B 27 -7.35 30.15 32.28
C PRO B 27 -8.46 29.21 32.68
N PHE B 28 -8.34 28.59 33.86
CA PHE B 28 -9.35 27.68 34.36
C PHE B 28 -9.72 26.56 33.37
N SER B 29 -8.74 26.10 32.61
CA SER B 29 -8.96 25.02 31.68
C SER B 29 -9.13 23.72 32.47
N PRO B 30 -10.22 22.97 32.25
CA PRO B 30 -10.30 21.66 32.86
C PRO B 30 -9.15 20.69 32.52
N GLN B 31 -9.06 19.61 33.25
CA GLN B 31 -7.98 18.64 33.11
C GLN B 31 -8.09 17.94 31.77
N PRO B 32 -6.98 17.80 31.01
CA PRO B 32 -7.03 17.06 29.74
C PRO B 32 -7.23 15.56 29.92
N PRO B 33 -7.90 14.89 28.97
CA PRO B 33 -7.87 13.41 28.99
C PRO B 33 -6.46 12.83 28.69
N GLU B 34 -6.19 11.64 29.23
CA GLU B 34 -4.96 10.91 28.94
C GLU B 34 -5.02 10.48 27.47
N ILE B 35 -3.89 10.56 26.77
CA ILE B 35 -3.84 10.33 25.32
C ILE B 35 -2.81 9.25 25.00
N HIS B 36 -3.28 8.14 24.42
CA HIS B 36 -2.41 7.02 24.05
C HIS B 36 -1.84 7.26 22.65
N ALA B 37 -0.73 8.00 22.59
CA ALA B 37 0.05 8.18 21.35
C ALA B 37 1.41 8.79 21.63
N GLY B 38 2.28 8.81 20.63
CA GLY B 38 3.57 9.46 20.76
C GLY B 38 3.45 10.96 21.01
N SER B 39 2.59 11.63 20.24
CA SER B 39 2.49 13.07 20.21
C SER B 39 1.08 13.50 19.84
N TRP B 40 0.68 14.70 20.26
CA TRP B 40 -0.65 15.23 19.93
C TRP B 40 -0.80 16.76 20.13
N VAL B 41 -1.72 17.33 19.35
CA VAL B 41 -2.06 18.73 19.37
C VAL B 41 -3.55 18.82 19.07
N LEU B 42 -4.31 19.53 19.90
CA LEU B 42 -5.66 19.93 19.59
C LEU B 42 -5.63 21.44 19.51
N MET B 43 -5.97 22.00 18.34
CA MET B 43 -5.78 23.41 18.10
C MET B 43 -7.09 24.06 17.67
N ASP B 44 -7.29 25.32 18.06
CA ASP B 44 -8.42 26.11 17.59
C ASP B 44 -8.09 26.80 16.26
N TYR B 45 -9.07 26.86 15.37
CA TYR B 45 -8.79 27.32 14.01
C TYR B 45 -8.73 28.81 13.99
N THR B 46 -9.82 29.44 14.46
CA THR B 46 -9.97 30.91 14.46
C THR B 46 -8.72 31.59 15.01
N THR B 47 -8.16 31.06 16.10
CA THR B 47 -7.10 31.73 16.89
C THR B 47 -5.74 31.08 16.82
N GLY B 48 -5.71 29.79 16.46
CA GLY B 48 -4.47 29.01 16.54
C GLY B 48 -4.03 28.61 17.94
N GLN B 49 -4.91 28.79 18.94
CA GLN B 49 -4.64 28.41 20.33
C GLN B 49 -4.63 26.89 20.52
N ILE B 50 -3.55 26.40 21.10
CA ILE B 50 -3.47 25.02 21.55
C ILE B 50 -4.31 24.83 22.81
N LEU B 51 -5.37 24.03 22.70
CA LEU B 51 -6.20 23.61 23.82
C LEU B 51 -5.54 22.53 24.70
N THR B 52 -4.85 21.55 24.11
CA THR B 52 -3.97 20.61 24.82
C THR B 52 -2.94 19.96 23.85
N ALA B 53 -1.86 19.40 24.41
CA ALA B 53 -0.74 18.92 23.60
C ALA B 53 0.29 18.13 24.39
N GLY B 54 0.79 17.02 23.82
CA GLY B 54 1.88 16.23 24.38
C GLY B 54 2.99 16.03 23.35
N ASN B 55 4.24 16.25 23.74
CA ASN B 55 5.42 15.92 22.92
C ASN B 55 5.29 16.48 21.49
N GLU B 56 4.78 17.70 21.41
CA GLU B 56 4.31 18.23 20.16
C GLU B 56 5.41 18.66 19.17
N HIS B 57 6.63 18.85 19.68
CA HIS B 57 7.73 19.34 18.87
C HIS B 57 8.71 18.20 18.51
N GLN B 58 8.49 16.99 19.02
CA GLN B 58 9.40 15.89 18.67
C GLN B 58 9.39 15.68 17.16
N GLN B 59 10.58 15.57 16.58
CA GLN B 59 10.77 15.27 15.17
C GLN B 59 10.44 13.81 14.90
N ARG B 60 9.46 13.61 14.01
CA ARG B 60 8.94 12.30 13.65
C ARG B 60 8.74 12.32 12.15
N ASN B 61 9.05 11.21 11.51
CA ASN B 61 8.81 11.06 10.07
C ASN B 61 7.33 11.08 9.77
N PRO B 62 6.84 12.06 8.96
CA PRO B 62 5.41 12.19 8.69
C PRO B 62 4.83 11.15 7.66
N ALA B 63 5.70 10.46 6.91
CA ALA B 63 5.31 9.50 5.86
C ALA B 63 4.41 10.20 4.84
N SER B 64 3.27 9.64 4.47
CA SER B 64 2.37 10.26 3.48
C SER B 64 1.88 11.68 3.84
N LEU B 65 1.89 12.05 5.13
CA LEU B 65 1.44 13.37 5.57
C LEU B 65 2.21 14.53 4.95
N THR B 66 3.44 14.26 4.52
CA THR B 66 4.14 15.17 3.61
C THR B 66 3.21 15.71 2.49
N LYS B 67 2.27 14.91 2.00
CA LYS B 67 1.32 15.36 0.98
C LYS B 67 0.43 16.51 1.35
N LEU B 68 0.30 16.85 2.63
CA LEU B 68 -0.46 18.05 3.02
C LEU B 68 0.28 19.26 2.50
N MET B 69 1.60 19.26 2.71
CA MET B 69 2.46 20.32 2.14
C MET B 69 2.41 20.38 0.59
N THR B 70 2.39 19.21 -0.03
CA THR B 70 2.39 19.10 -1.50
C THR B 70 1.12 19.79 -2.01
N GLY B 71 -0.04 19.45 -1.43
CA GLY B 71 -1.28 20.16 -1.74
C GLY B 71 -1.27 21.66 -1.45
N TYR B 72 -0.49 22.05 -0.45
CA TYR B 72 -0.40 23.44 -0.06
C TYR B 72 0.35 24.23 -1.10
N VAL B 73 1.49 23.72 -1.58
CA VAL B 73 2.20 24.36 -2.72
C VAL B 73 1.25 24.54 -3.92
N VAL B 74 0.44 23.54 -4.19
CA VAL B 74 -0.54 23.64 -5.31
C VAL B 74 -1.57 24.73 -5.07
N ASP B 75 -2.15 24.75 -3.85
CA ASP B 75 -3.03 25.83 -3.40
C ASP B 75 -2.41 27.23 -3.57
N ARG B 76 -1.18 27.38 -3.14
CA ARG B 76 -0.49 28.68 -3.22
C ARG B 76 -0.15 29.06 -4.66
N ALA B 77 0.14 28.04 -5.49
CA ALA B 77 0.33 28.27 -6.93
C ALA B 77 -0.96 28.79 -7.57
N ILE B 78 -2.11 28.28 -7.14
CA ILE B 78 -3.40 28.81 -7.64
C ILE B 78 -3.69 30.23 -7.11
N ASP B 79 -3.38 30.46 -5.84
CA ASP B 79 -3.71 31.69 -5.16
C ASP B 79 -2.94 32.90 -5.75
N SER B 80 -1.69 32.68 -6.17
CA SER B 80 -0.85 33.71 -6.85
C SER B 80 -1.03 33.81 -8.39
N HIS B 81 -1.90 32.96 -8.96
CA HIS B 81 -2.32 33.02 -10.38
C HIS B 81 -1.27 32.49 -11.35
N ARG B 82 -0.26 31.81 -10.80
CA ARG B 82 0.79 31.16 -11.58
C ARG B 82 0.23 29.92 -12.30
N ILE B 83 -0.73 29.23 -11.64
CA ILE B 83 -1.58 28.22 -12.27
C ILE B 83 -3.07 28.47 -11.98
N THR B 84 -3.91 27.64 -12.59
CA THR B 84 -5.36 27.71 -12.50
C THR B 84 -5.78 26.25 -12.39
N PRO B 85 -6.92 25.94 -11.69
CA PRO B 85 -7.35 24.51 -11.58
C PRO B 85 -7.81 23.88 -12.92
N ASP B 86 -8.27 24.71 -13.85
CA ASP B 86 -8.60 24.27 -15.23
C ASP B 86 -7.43 23.96 -16.19
N ASP B 87 -6.21 24.33 -15.80
CA ASP B 87 -5.03 24.07 -16.60
C ASP B 87 -4.89 22.58 -16.90
N ILE B 88 -4.61 22.27 -18.17
CA ILE B 88 -4.50 20.89 -18.70
C ILE B 88 -3.04 20.46 -18.71
N VAL B 89 -2.73 19.47 -17.88
CA VAL B 89 -1.37 19.07 -17.61
C VAL B 89 -1.13 17.75 -18.30
N THR B 90 0.09 17.59 -18.82
CA THR B 90 0.43 16.38 -19.53
C THR B 90 1.34 15.55 -18.63
N VAL B 91 1.03 14.27 -18.54
CA VAL B 91 1.69 13.36 -17.61
C VAL B 91 2.95 12.89 -18.33
N GLY B 92 4.13 13.19 -17.80
CA GLY B 92 5.39 12.61 -18.26
C GLY B 92 5.52 11.16 -17.77
N ARG B 93 6.56 10.46 -18.24
CA ARG B 93 6.86 9.09 -17.76
C ARG B 93 7.32 9.05 -16.29
N ASP B 94 7.91 10.14 -15.82
CA ASP B 94 7.95 10.55 -14.39
C ASP B 94 6.76 10.17 -13.48
N ALA B 95 5.56 10.48 -13.95
CA ALA B 95 4.33 10.34 -13.20
C ALA B 95 3.59 9.04 -13.47
N TRP B 96 4.31 8.01 -13.98
CA TRP B 96 3.74 6.74 -14.43
C TRP B 96 4.35 5.58 -13.64
N ALA B 97 3.52 4.81 -12.95
CA ALA B 97 4.00 3.82 -11.94
C ALA B 97 4.65 2.63 -12.59
N LYS B 98 4.18 2.27 -13.77
CA LYS B 98 4.86 1.25 -14.56
C LYS B 98 6.34 1.67 -14.70
N ASP B 99 7.24 0.74 -14.36
CA ASP B 99 8.67 0.94 -14.53
C ASP B 99 9.35 1.80 -13.46
N ASN B 100 8.59 2.45 -12.55
CA ASN B 100 9.14 3.22 -11.43
C ASN B 100 9.06 2.42 -10.10
N PRO B 101 10.17 1.73 -9.70
CA PRO B 101 10.17 1.04 -8.38
C PRO B 101 9.86 1.91 -7.17
N VAL B 102 10.17 3.21 -7.26
CA VAL B 102 9.73 4.19 -6.25
C VAL B 102 8.24 3.99 -5.87
N PHE B 103 7.38 3.74 -6.88
CA PHE B 103 5.91 3.69 -6.67
C PHE B 103 5.24 2.38 -6.21
N VAL B 104 5.81 1.21 -6.54
CA VAL B 104 5.06 -0.07 -6.34
C VAL B 104 4.68 -0.29 -4.87
N GLY B 105 3.42 -0.65 -4.65
CA GLY B 105 2.88 -0.82 -3.30
C GLY B 105 2.12 0.40 -2.85
N SER B 106 2.53 1.57 -3.34
CA SER B 106 2.01 2.86 -2.88
C SER B 106 0.68 3.17 -3.55
N SER B 107 0.05 4.23 -3.06
CA SER B 107 -1.27 4.67 -3.53
C SER B 107 -1.14 5.55 -4.78
N LEU B 108 -2.08 5.37 -5.70
CA LEU B 108 -1.95 5.95 -7.04
C LEU B 108 -3.29 6.48 -7.57
N MET B 109 -3.20 7.49 -8.42
CA MET B 109 -4.32 7.92 -9.25
C MET B 109 -4.42 7.06 -10.52
N PHE B 110 -3.32 6.39 -10.87
CA PHE B 110 -3.18 5.51 -12.03
C PHE B 110 -3.24 6.33 -13.33
N LEU B 111 -2.33 7.29 -13.39
CA LEU B 111 -2.12 8.13 -14.54
C LEU B 111 -1.20 7.38 -15.51
N LYS B 112 -1.36 7.62 -16.81
CA LYS B 112 -0.48 7.05 -17.85
C LYS B 112 0.22 8.18 -18.55
N GLU B 113 1.49 7.97 -18.93
CA GLU B 113 2.19 8.90 -19.84
C GLU B 113 1.34 9.29 -21.08
N GLY B 114 1.30 10.60 -21.34
CA GLY B 114 0.45 11.17 -22.39
C GLY B 114 -0.96 11.57 -21.98
N ASP B 115 -1.38 11.16 -20.77
CA ASP B 115 -2.66 11.61 -20.24
C ASP B 115 -2.63 13.12 -19.99
N ARG B 116 -3.70 13.77 -20.41
CA ARG B 116 -3.89 15.20 -20.30
C ARG B 116 -4.99 15.42 -19.27
N VAL B 117 -4.62 16.01 -18.13
CA VAL B 117 -5.46 16.05 -16.91
C VAL B 117 -5.46 17.46 -16.33
N SER B 118 -6.59 17.89 -15.76
CA SER B 118 -6.69 19.20 -15.11
C SER B 118 -5.86 19.23 -13.83
N VAL B 119 -5.42 20.42 -13.45
CA VAL B 119 -4.88 20.69 -12.11
C VAL B 119 -5.89 20.27 -11.04
N ARG B 120 -7.16 20.62 -11.21
CA ARG B 120 -8.25 20.16 -10.35
C ARG B 120 -8.33 18.64 -10.15
N ASP B 121 -8.33 17.87 -11.25
CA ASP B 121 -8.39 16.40 -11.16
C ASP B 121 -7.12 15.81 -10.64
N LEU B 122 -5.98 16.45 -10.88
CA LEU B 122 -4.72 16.02 -10.25
C LEU B 122 -4.72 16.29 -8.70
N SER B 123 -5.27 17.44 -8.31
CA SER B 123 -5.50 17.80 -6.90
C SER B 123 -6.45 16.80 -6.22
N ARG B 124 -7.51 16.36 -6.90
CA ARG B 124 -8.35 15.32 -6.34
C ARG B 124 -7.59 13.97 -6.19
N GLY B 125 -6.80 13.58 -7.20
CA GLY B 125 -5.94 12.38 -7.10
C GLY B 125 -4.98 12.40 -5.90
N LEU B 126 -4.35 13.54 -5.70
CA LEU B 126 -3.48 13.81 -4.55
C LEU B 126 -4.23 13.60 -3.22
N ILE B 127 -5.41 14.21 -3.13
CA ILE B 127 -6.11 14.35 -1.86
C ILE B 127 -6.91 13.11 -1.56
N VAL B 128 -7.81 12.78 -2.49
CA VAL B 128 -8.71 11.68 -2.29
C VAL B 128 -7.99 10.33 -2.42
N ASP B 129 -7.14 10.15 -3.44
CA ASP B 129 -6.40 8.89 -3.62
C ASP B 129 -5.06 8.86 -2.92
N SER B 130 -4.57 10.00 -2.48
CA SER B 130 -3.21 10.12 -1.95
C SER B 130 -2.21 9.67 -3.03
N GLY B 131 -2.40 10.19 -4.25
CA GLY B 131 -1.72 9.67 -5.44
C GLY B 131 -0.31 10.18 -5.53
N ASN B 132 0.64 9.26 -5.49
CA ASN B 132 2.07 9.60 -5.58
C ASN B 132 2.48 10.03 -6.99
N ASP B 133 1.93 9.34 -7.99
CA ASP B 133 2.01 9.75 -9.36
C ASP B 133 1.50 11.18 -9.58
N ALA B 134 0.35 11.50 -9.00
CA ALA B 134 -0.22 12.86 -9.10
C ALA B 134 0.69 13.96 -8.55
N CYS B 135 1.42 13.64 -7.48
CA CYS B 135 2.37 14.58 -6.88
C CYS B 135 3.47 14.92 -7.89
N VAL B 136 4.03 13.89 -8.49
CA VAL B 136 5.11 14.09 -9.49
C VAL B 136 4.64 14.96 -10.66
N ALA B 137 3.42 14.72 -11.13
CA ALA B 137 2.89 15.44 -12.27
C ALA B 137 2.59 16.91 -11.94
N LEU B 138 2.03 17.14 -10.74
CA LEU B 138 1.81 18.49 -10.27
C LEU B 138 3.14 19.18 -10.03
N ALA B 139 4.11 18.46 -9.51
CA ALA B 139 5.45 19.04 -9.27
C ALA B 139 6.11 19.51 -10.55
N ASP B 140 6.21 18.61 -11.52
CA ASP B 140 6.79 18.99 -12.85
C ASP B 140 6.06 20.18 -13.44
N TYR B 141 4.72 20.19 -13.34
CA TYR B 141 3.99 21.34 -13.91
C TYR B 141 4.30 22.64 -13.16
N ILE B 142 4.32 22.58 -11.83
CA ILE B 142 4.44 23.78 -10.99
C ILE B 142 5.87 24.35 -10.93
N ALA B 143 6.87 23.51 -10.70
CA ALA B 143 8.24 24.01 -10.59
C ALA B 143 9.17 23.68 -11.78
N GLY B 144 8.73 22.85 -12.72
CA GLY B 144 9.58 22.37 -13.77
C GLY B 144 10.25 21.06 -13.40
N GLY B 145 10.18 20.67 -12.11
CA GLY B 145 10.83 19.45 -11.65
C GLY B 145 10.74 19.11 -10.17
N GLN B 146 11.02 17.85 -9.88
CA GLN B 146 10.86 17.32 -8.53
C GLN B 146 11.64 18.14 -7.51
N ARG B 147 12.94 18.31 -7.72
CA ARG B 147 13.83 18.98 -6.77
C ARG B 147 13.53 20.48 -6.50
N GLN B 148 12.96 21.17 -7.50
CA GLN B 148 12.59 22.57 -7.39
C GLN B 148 11.28 22.69 -6.64
N PHE B 149 10.48 21.63 -6.67
CA PHE B 149 9.22 21.60 -5.96
C PHE B 149 9.47 21.46 -4.46
N VAL B 150 10.48 20.64 -4.13
CA VAL B 150 10.92 20.40 -2.76
C VAL B 150 11.56 21.67 -2.22
N GLU B 151 12.12 22.47 -3.13
CA GLU B 151 12.67 23.78 -2.74
C GLU B 151 11.53 24.68 -2.30
N MET B 152 10.43 24.68 -3.06
CA MET B 152 9.20 25.37 -2.72
C MET B 152 8.49 24.83 -1.48
N MET B 153 8.50 23.50 -1.30
CA MET B 153 7.95 22.89 -0.09
C MET B 153 8.69 23.35 1.18
N ASN B 154 10.01 23.55 1.06
CA ASN B 154 10.88 23.97 2.16
C ASN B 154 10.81 25.46 2.39
N ASN B 155 10.62 26.22 1.30
CA ASN B 155 10.29 27.65 1.42
C ASN B 155 8.95 27.92 2.15
N TYR B 156 7.96 27.05 1.97
CA TYR B 156 6.64 27.30 2.58
C TYR B 156 6.60 26.75 3.99
N ALA B 157 7.40 25.73 4.30
CA ALA B 157 7.60 25.39 5.70
C ALA B 157 8.32 26.53 6.42
N GLU B 158 9.31 27.16 5.79
CA GLU B 158 10.07 28.25 6.43
C GLU B 158 9.22 29.54 6.60
N LYS B 159 8.41 29.91 5.62
CA LYS B 159 7.47 31.04 5.76
C LYS B 159 6.47 30.85 6.88
N LEU B 160 5.98 29.62 7.01
CA LEU B 160 4.95 29.26 7.98
C LEU B 160 5.52 28.97 9.37
N HIS B 161 6.84 29.08 9.50
CA HIS B 161 7.57 28.83 10.73
C HIS B 161 7.44 27.38 11.21
N LEU B 162 7.60 26.43 10.26
CA LEU B 162 7.63 25.00 10.60
C LEU B 162 9.09 24.62 10.92
N LYS B 163 9.50 24.98 12.14
CA LYS B 163 10.90 24.93 12.56
C LYS B 163 11.44 23.51 12.72
N ASP B 164 10.54 22.53 12.85
CA ASP B 164 10.91 21.14 13.03
C ASP B 164 10.80 20.37 11.74
N THR B 165 10.57 21.07 10.61
CA THR B 165 10.10 20.44 9.39
C THR B 165 11.11 20.56 8.22
N HIS B 166 11.34 19.44 7.53
CA HIS B 166 12.16 19.42 6.32
C HIS B 166 11.68 18.32 5.37
N PHE B 167 11.61 18.64 4.10
CA PHE B 167 11.15 17.69 3.10
C PHE B 167 12.30 17.32 2.17
N GLU B 168 12.23 16.13 1.58
CA GLU B 168 13.15 15.67 0.51
C GLU B 168 12.49 15.28 -0.79
N THR B 169 11.28 14.70 -0.75
CA THR B 169 10.63 14.23 -1.98
C THR B 169 9.23 14.80 -2.02
N VAL B 170 8.63 14.83 -3.23
CA VAL B 170 7.31 15.46 -3.45
C VAL B 170 6.08 14.67 -2.92
N HIS B 171 6.32 13.44 -2.51
CA HIS B 171 5.25 12.53 -2.04
C HIS B 171 5.53 11.84 -0.70
N GLY B 172 6.72 12.02 -0.13
CA GLY B 172 7.09 11.40 1.14
C GLY B 172 7.69 10.02 1.07
N LEU B 173 7.51 9.37 -0.06
CA LEU B 173 8.27 8.15 -0.38
C LEU B 173 9.79 8.37 -0.53
N ASP B 174 10.55 7.29 -0.33
CA ASP B 174 12.02 7.29 -0.45
C ASP B 174 12.65 8.59 0.05
N ALA B 175 12.30 8.94 1.28
CA ALA B 175 12.73 10.19 1.93
C ALA B 175 13.03 10.01 3.42
N PRO B 176 14.15 9.33 3.74
CA PRO B 176 14.50 9.11 5.15
C PRO B 176 14.97 10.38 5.90
N GLY B 177 15.36 11.41 5.15
CA GLY B 177 15.70 12.68 5.71
C GLY B 177 14.51 13.51 6.14
N GLN B 178 13.36 13.37 5.47
CA GLN B 178 12.21 14.19 5.83
C GLN B 178 11.77 14.07 7.34
N HIS B 179 11.26 15.16 7.89
CA HIS B 179 10.74 15.15 9.26
C HIS B 179 9.74 16.30 9.49
N SER B 180 8.86 16.13 10.47
CA SER B 180 8.00 17.18 10.98
C SER B 180 7.68 16.91 12.44
N SER B 181 6.69 17.65 12.95
CA SER B 181 6.24 17.53 14.35
C SER B 181 4.73 17.61 14.37
N ALA B 182 4.11 17.10 15.42
CA ALA B 182 2.66 17.23 15.61
C ALA B 182 2.23 18.67 15.52
N TYR B 183 2.91 19.54 16.26
CA TYR B 183 2.68 20.99 16.21
C TYR B 183 2.80 21.58 14.81
N ASP B 184 3.92 21.36 14.14
CA ASP B 184 4.11 21.86 12.76
C ASP B 184 2.98 21.45 11.83
N LEU B 185 2.42 20.27 12.02
CA LEU B 185 1.39 19.73 11.09
C LEU B 185 0.03 20.29 11.41
N ALA B 186 -0.18 20.54 12.70
CA ALA B 186 -1.30 21.41 13.15
C ALA B 186 -1.26 22.78 12.48
N VAL B 187 -0.10 23.41 12.51
CA VAL B 187 0.06 24.76 11.90
C VAL B 187 -0.14 24.71 10.38
N LEU B 188 0.36 23.62 9.75
CA LEU B 188 0.30 23.50 8.31
C LEU B 188 -1.14 23.21 7.98
N SER B 189 -1.81 22.43 8.81
CA SER B 189 -3.21 22.15 8.57
C SER B 189 -4.07 23.41 8.67
N ARG B 190 -3.83 24.26 9.66
CA ARG B 190 -4.57 25.52 9.79
C ARG B 190 -4.37 26.38 8.55
N ALA B 191 -3.15 26.38 7.99
CA ALA B 191 -2.84 27.20 6.79
C ALA B 191 -3.58 26.69 5.55
N ILE B 192 -3.60 25.36 5.38
CA ILE B 192 -4.42 24.64 4.39
C ILE B 192 -5.92 24.95 4.49
N ILE B 193 -6.53 24.80 5.68
CA ILE B 193 -7.93 25.22 5.89
C ILE B 193 -8.15 26.71 5.54
N HIS B 194 -7.15 27.55 5.77
CA HIS B 194 -7.25 29.01 5.52
C HIS B 194 -6.86 29.48 4.09
N GLY B 195 -6.58 28.55 3.18
CA GLY B 195 -6.12 28.94 1.86
C GLY B 195 -7.34 28.98 0.97
N GLU B 196 -7.19 28.51 -0.25
CA GLU B 196 -8.30 28.57 -1.22
C GLU B 196 -9.53 27.78 -0.76
N PRO B 197 -10.72 28.42 -0.64
CA PRO B 197 -11.87 27.69 -0.06
C PRO B 197 -12.24 26.34 -0.71
N GLU B 198 -12.30 26.32 -2.06
CA GLU B 198 -12.63 25.09 -2.80
C GLU B 198 -11.45 24.12 -2.92
N PHE B 199 -10.26 24.51 -2.51
CA PHE B 199 -9.19 23.51 -2.43
C PHE B 199 -9.47 22.66 -1.21
N TYR B 200 -9.60 23.32 -0.05
CA TYR B 200 -9.76 22.59 1.21
C TYR B 200 -10.94 21.63 1.14
N HIS B 201 -12.05 22.07 0.52
CA HIS B 201 -13.24 21.20 0.34
C HIS B 201 -12.95 19.80 -0.26
N MET B 202 -11.93 19.68 -1.11
CA MET B 202 -11.56 18.38 -1.70
C MET B 202 -11.15 17.36 -0.64
N TYR B 203 -10.81 17.80 0.58
CA TYR B 203 -10.50 16.87 1.65
C TYR B 203 -11.73 16.14 2.10
N SER B 204 -12.90 16.71 1.89
CA SER B 204 -14.14 16.06 2.28
C SER B 204 -14.78 15.17 1.20
N GLU B 205 -14.22 15.14 -0.03
CA GLU B 205 -14.85 14.31 -1.10
C GLU B 205 -14.60 12.84 -0.82
N LYS B 206 -15.65 12.04 -0.89
CA LYS B 206 -15.55 10.67 -0.44
C LYS B 206 -14.92 9.72 -1.46
N SER B 207 -14.98 10.06 -2.76
CA SER B 207 -14.49 9.18 -3.83
C SER B 207 -13.96 9.91 -5.06
N LEU B 208 -13.08 9.24 -5.78
CA LEU B 208 -12.64 9.70 -7.07
C LEU B 208 -12.64 8.52 -8.06
N THR B 209 -13.30 8.73 -9.20
CA THR B 209 -13.14 7.86 -10.35
C THR B 209 -12.14 8.52 -11.26
N TRP B 210 -11.10 7.77 -11.65
CA TRP B 210 -10.14 8.17 -12.69
C TRP B 210 -9.70 7.02 -13.60
N ASN B 211 -9.66 7.27 -14.93
CA ASN B 211 -9.47 6.23 -15.97
C ASN B 211 -10.09 4.90 -15.57
N GLY B 212 -11.40 4.92 -15.32
CA GLY B 212 -12.16 3.71 -15.02
C GLY B 212 -11.99 3.08 -13.63
N ILE B 213 -11.10 3.61 -12.79
CA ILE B 213 -10.88 3.09 -11.43
C ILE B 213 -11.43 4.08 -10.40
N THR B 214 -12.30 3.57 -9.54
CA THR B 214 -12.82 4.35 -8.41
C THR B 214 -12.12 3.92 -7.13
N GLN B 215 -11.79 4.89 -6.30
CA GLN B 215 -11.13 4.65 -5.02
C GLN B 215 -11.75 5.50 -3.90
N GLN B 216 -11.62 5.03 -2.66
CA GLN B 216 -12.20 5.73 -1.49
C GLN B 216 -11.20 6.62 -0.79
N ASN B 217 -11.66 7.81 -0.37
CA ASN B 217 -10.91 8.62 0.58
C ASN B 217 -10.54 7.72 1.76
N ARG B 218 -9.26 7.75 2.15
CA ARG B 218 -8.72 6.88 3.20
C ARG B 218 -9.03 7.40 4.63
N ASN B 219 -9.59 8.60 4.77
CA ASN B 219 -9.92 9.18 6.07
C ASN B 219 -11.27 8.69 6.55
N GLY B 220 -11.22 7.65 7.35
CA GLY B 220 -12.45 7.07 7.96
C GLY B 220 -13.35 8.01 8.74
N LEU B 221 -12.78 9.01 9.41
CA LEU B 221 -13.59 9.94 10.22
C LEU B 221 -14.63 10.77 9.45
N LEU B 222 -14.44 10.92 8.14
CA LEU B 222 -15.42 11.59 7.25
C LEU B 222 -16.85 11.05 7.34
N TRP B 223 -16.99 9.74 7.61
CA TRP B 223 -18.28 9.08 7.68
C TRP B 223 -18.78 8.91 9.14
N ASP B 224 -18.20 9.68 10.07
CA ASP B 224 -18.62 9.64 11.47
C ASP B 224 -20.00 10.27 11.58
N LYS B 225 -20.91 9.56 12.25
CA LYS B 225 -22.31 9.98 12.37
C LYS B 225 -22.59 10.65 13.71
N THR B 226 -21.58 11.28 14.29
CA THR B 226 -21.74 12.05 15.52
C THR B 226 -21.05 13.43 15.52
N MET B 227 -20.38 13.80 14.42
CA MET B 227 -19.66 15.08 14.26
C MET B 227 -19.69 15.53 12.76
N ASN B 228 -19.18 16.73 12.51
CA ASN B 228 -19.04 17.31 11.19
C ASN B 228 -17.55 17.40 10.94
N VAL B 229 -16.91 16.24 10.73
CA VAL B 229 -15.49 16.13 10.39
C VAL B 229 -15.33 16.20 8.88
N ASP B 230 -14.52 17.16 8.41
CA ASP B 230 -14.24 17.31 6.97
C ASP B 230 -12.70 17.19 6.80
N GLY B 231 -12.15 16.28 7.62
CA GLY B 231 -10.80 16.22 8.18
C GLY B 231 -9.73 16.24 7.18
N LEU B 232 -8.51 15.83 7.55
CA LEU B 232 -7.41 15.89 6.57
C LEU B 232 -6.89 14.50 6.06
N LYS B 233 -6.19 13.74 6.88
CA LYS B 233 -5.43 12.63 6.39
C LYS B 233 -4.96 11.71 7.54
N THR B 234 -4.93 10.42 7.22
CA THR B 234 -4.43 9.38 8.10
C THR B 234 -3.14 8.78 7.50
N GLY B 235 -2.31 8.18 8.33
CA GLY B 235 -1.07 7.59 7.81
C GLY B 235 -0.32 6.70 8.77
N HIS B 236 0.77 6.13 8.24
CA HIS B 236 1.63 5.25 8.98
C HIS B 236 3.10 5.41 8.61
N THR B 237 3.94 5.30 9.64
CA THR B 237 5.35 5.56 9.59
C THR B 237 5.98 4.27 10.06
N SER B 238 6.53 3.50 9.12
CA SER B 238 7.32 2.32 9.44
C SER B 238 8.02 2.41 10.81
N GLY B 239 7.62 1.53 11.74
CA GLY B 239 8.25 1.40 13.04
C GLY B 239 8.14 2.59 13.99
N ALA B 240 7.18 3.46 13.73
CA ALA B 240 6.90 4.61 14.58
C ALA B 240 5.38 4.89 14.70
N GLY B 241 4.55 3.87 14.48
CA GLY B 241 3.12 3.98 14.69
C GLY B 241 2.28 4.69 13.65
N PHE B 242 1.06 5.03 14.11
CA PHE B 242 -0.03 5.45 13.26
C PHE B 242 -0.37 6.92 13.56
N ASN B 243 -0.68 7.68 12.50
CA ASN B 243 -0.81 9.11 12.55
C ASN B 243 -2.13 9.58 11.94
N LEU B 244 -2.55 10.81 12.26
CA LEU B 244 -3.83 11.35 11.84
C LEU B 244 -3.88 12.88 11.92
N ILE B 245 -4.67 13.49 11.03
CA ILE B 245 -5.01 14.90 11.07
C ILE B 245 -6.50 15.01 10.74
N ALA B 246 -7.32 15.24 11.77
CA ALA B 246 -8.73 15.54 11.64
C ALA B 246 -9.06 17.02 11.97
N SER B 247 -10.18 17.48 11.46
CA SER B 247 -10.67 18.82 11.76
C SER B 247 -12.20 18.76 11.71
N ALA B 248 -12.84 19.36 12.70
CA ALA B 248 -14.29 19.26 12.93
C ALA B 248 -14.89 20.65 13.14
N VAL B 249 -16.09 20.85 12.61
CA VAL B 249 -16.84 22.07 12.77
C VAL B 249 -17.98 21.76 13.74
N ASP B 250 -18.42 22.78 14.45
CA ASP B 250 -19.67 22.73 15.22
C ASP B 250 -20.11 24.17 15.31
N GLY B 251 -21.17 24.48 14.59
CA GLY B 251 -21.62 25.86 14.43
C GLY B 251 -20.57 26.68 13.74
N GLN B 252 -20.05 27.67 14.45
CA GLN B 252 -19.16 28.69 13.91
C GLN B 252 -17.82 28.56 14.64
N ARG B 253 -17.30 27.33 14.66
CA ARG B 253 -16.03 27.06 15.28
C ARG B 253 -15.47 25.74 14.78
N ARG B 254 -14.14 25.71 14.68
CA ARG B 254 -13.42 24.59 14.11
C ARG B 254 -12.24 24.26 14.99
N LEU B 255 -12.01 22.95 15.16
CA LEU B 255 -10.86 22.39 15.85
C LEU B 255 -10.03 21.51 14.93
N ILE B 256 -8.76 21.37 15.27
CA ILE B 256 -7.84 20.61 14.50
C ILE B 256 -7.16 19.68 15.51
N ALA B 257 -7.37 18.37 15.40
CA ALA B 257 -6.65 17.36 16.17
C ALA B 257 -5.56 16.64 15.33
N VAL B 258 -4.31 16.73 15.76
CA VAL B 258 -3.22 15.94 15.24
C VAL B 258 -2.89 14.88 16.28
N VAL B 259 -2.82 13.62 15.82
CA VAL B 259 -2.34 12.50 16.64
C VAL B 259 -1.19 11.83 15.89
N MET B 260 -0.14 11.45 16.61
CA MET B 260 1.03 10.81 16.01
C MET B 260 1.60 9.72 16.87
N GLY B 261 1.83 8.56 16.28
CA GLY B 261 2.42 7.42 16.98
C GLY B 261 1.45 6.61 17.83
N ALA B 262 0.17 6.59 17.48
CA ALA B 262 -0.80 5.73 18.15
C ALA B 262 -0.49 4.26 17.82
N ASP B 263 -0.84 3.35 18.76
CA ASP B 263 -0.58 1.87 18.66
C ASP B 263 -1.02 1.19 17.37
N SER B 264 -2.16 1.68 16.88
CA SER B 264 -2.98 0.96 15.94
C SER B 264 -3.86 1.97 15.26
N ALA B 265 -4.37 1.59 14.10
CA ALA B 265 -5.23 2.44 13.31
C ALA B 265 -6.52 2.78 14.07
N LYS B 266 -7.01 1.82 14.86
CA LYS B 266 -8.22 2.04 15.66
C LYS B 266 -7.97 3.05 16.79
N GLY B 267 -6.76 2.99 17.37
CA GLY B 267 -6.32 3.91 18.41
C GLY B 267 -6.43 5.35 17.97
N ARG B 268 -5.75 5.68 16.87
CA ARG B 268 -5.70 7.05 16.38
C ARG B 268 -7.07 7.60 16.02
N GLU B 269 -8.01 6.75 15.60
CA GLU B 269 -9.38 7.20 15.36
C GLU B 269 -10.05 7.56 16.70
N GLU B 270 -9.89 6.70 17.70
CA GLU B 270 -10.52 6.88 19.01
C GLU B 270 -9.83 8.01 19.82
N GLU B 271 -8.51 8.18 19.66
CA GLU B 271 -7.75 9.22 20.34
C GLU B 271 -8.05 10.57 19.72
N ALA B 272 -8.10 10.63 18.39
CA ALA B 272 -8.42 11.87 17.66
C ALA B 272 -9.82 12.42 17.92
N ARG B 273 -10.79 11.51 17.95
CA ARG B 273 -12.18 11.82 18.29
C ARG B 273 -12.41 11.99 19.82
N LYS B 274 -11.54 11.42 20.66
CA LYS B 274 -11.52 11.74 22.10
C LYS B 274 -11.03 13.18 22.33
N LEU B 275 -10.04 13.62 21.55
CA LEU B 275 -9.51 14.98 21.67
C LEU B 275 -10.54 16.01 21.25
N LEU B 276 -11.08 15.84 20.03
CA LEU B 276 -12.10 16.71 19.45
C LEU B 276 -13.42 16.75 20.21
N ARG B 277 -13.80 15.65 20.79
CA ARG B 277 -15.01 15.62 21.61
C ARG B 277 -14.81 16.43 22.91
N TRP B 278 -13.63 16.31 23.53
CA TRP B 278 -13.27 17.06 24.73
C TRP B 278 -13.13 18.55 24.37
N GLY B 279 -12.59 18.84 23.18
CA GLY B 279 -12.57 20.19 22.70
C GLY B 279 -13.97 20.78 22.58
N GLN B 280 -14.87 20.01 21.97
CA GLN B 280 -16.19 20.52 21.54
C GLN B 280 -17.15 20.78 22.69
N GLN B 281 -17.11 19.92 23.70
CA GLN B 281 -18.03 19.99 24.82
C GLN B 281 -17.63 21.00 25.94
N ASN B 282 -16.31 21.20 26.12
CA ASN B 282 -15.75 21.93 27.27
C ASN B 282 -15.24 23.35 27.03
N PHE B 283 -15.09 23.71 25.76
CA PHE B 283 -14.59 25.02 25.33
C PHE B 283 -15.51 25.63 24.26
N THR B 284 -15.38 26.94 24.14
CA THR B 284 -16.03 27.78 23.12
C THR B 284 -14.94 28.73 22.63
N THR B 285 -15.13 29.26 21.42
CA THR B 285 -14.30 30.34 20.87
C THR B 285 -15.21 31.55 20.69
N VAL B 286 -14.87 32.68 21.30
CA VAL B 286 -15.79 33.84 21.41
C VAL B 286 -15.14 35.11 20.91
N GLN B 287 -15.99 36.04 20.48
CA GLN B 287 -15.53 37.36 20.13
C GLN B 287 -15.55 38.20 21.41
N ILE B 288 -14.37 38.66 21.82
CA ILE B 288 -14.23 39.49 23.00
C ILE B 288 -14.42 40.91 22.49
N LEU B 289 -13.52 41.35 21.59
CA LEU B 289 -13.54 42.74 21.06
C LEU B 289 -14.21 42.89 19.68
N HIS B 290 -14.64 44.12 19.39
CA HIS B 290 -15.16 44.52 18.08
C HIS B 290 -14.85 46.02 17.90
N GLY B 311 -13.89 51.75 24.35
CA GLY B 311 -13.90 50.74 23.29
C GLY B 311 -12.55 50.47 22.63
N THR B 312 -12.58 49.78 21.49
CA THR B 312 -11.38 49.36 20.76
C THR B 312 -11.44 49.58 19.27
N GLU B 313 -10.26 49.56 18.68
CA GLU B 313 -10.07 49.46 17.23
C GLU B 313 -9.94 47.99 16.80
N GLN B 314 -9.36 47.16 17.67
CA GLN B 314 -9.13 45.75 17.37
C GLN B 314 -10.43 44.92 17.44
N GLU B 315 -10.50 43.89 16.60
CA GLU B 315 -11.39 42.76 16.82
C GLU B 315 -10.51 41.70 17.50
N PHE B 316 -11.01 41.07 18.57
CA PHE B 316 -10.24 40.03 19.29
C PHE B 316 -11.06 38.84 19.76
N TRP B 317 -10.56 37.64 19.42
CA TRP B 317 -11.22 36.37 19.69
C TRP B 317 -10.36 35.53 20.60
N MET B 318 -11.03 34.72 21.42
CA MET B 318 -10.37 33.96 22.48
C MET B 318 -11.01 32.57 22.70
N VAL B 319 -10.19 31.60 23.06
CA VAL B 319 -10.67 30.28 23.46
C VAL B 319 -10.86 30.27 24.99
N LEU B 320 -12.09 29.99 25.43
CA LEU B 320 -12.44 29.93 26.87
C LEU B 320 -13.22 28.65 27.19
N PRO B 321 -13.03 28.10 28.41
CA PRO B 321 -13.99 27.08 28.86
C PRO B 321 -15.41 27.62 28.95
N LYS B 322 -16.38 26.77 28.64
CA LYS B 322 -17.79 27.18 28.62
C LYS B 322 -18.27 27.63 30.01
N ALA B 323 -17.78 26.95 31.04
CA ALA B 323 -18.11 27.35 32.41
C ALA B 323 -17.61 28.77 32.73
N GLU B 324 -16.57 29.23 32.01
CA GLU B 324 -16.04 30.58 32.21
C GLU B 324 -16.77 31.78 31.54
N ILE B 325 -17.73 31.50 30.64
CA ILE B 325 -18.42 32.54 29.89
C ILE B 325 -19.19 33.51 30.83
N PRO B 326 -19.94 32.98 31.80
CA PRO B 326 -20.59 33.90 32.73
C PRO B 326 -19.66 34.69 33.68
N HIS B 327 -18.39 34.30 33.75
CA HIS B 327 -17.41 34.96 34.61
C HIS B 327 -16.41 35.92 33.92
N ILE B 328 -16.57 36.20 32.62
CA ILE B 328 -15.65 37.10 31.88
C ILE B 328 -16.13 38.53 31.96
N LYS B 329 -15.25 39.45 32.33
CA LYS B 329 -15.60 40.86 32.49
C LYS B 329 -14.48 41.73 31.93
N ALA B 330 -14.85 42.86 31.34
CA ALA B 330 -13.92 43.77 30.70
C ALA B 330 -13.78 45.05 31.51
N LYS B 331 -12.79 45.08 32.39
CA LYS B 331 -12.50 46.27 33.16
C LYS B 331 -11.49 47.13 32.41
N TYR B 332 -11.32 48.37 32.88
CA TYR B 332 -10.28 49.29 32.36
C TYR B 332 -9.70 50.24 33.41
N THR B 333 -8.38 50.37 33.40
CA THR B 333 -7.69 51.47 34.06
C THR B 333 -7.63 52.69 33.10
N LEU B 334 -8.45 53.72 33.35
CA LEU B 334 -8.35 55.00 32.64
C LEU B 334 -7.00 55.59 32.97
N ASP B 335 -6.13 55.81 31.98
CA ASP B 335 -4.71 56.18 32.23
C ASP B 335 -4.46 57.67 31.99
N GLN B 347 -6.50 59.43 20.73
CA GLN B 347 -7.50 58.47 21.27
C GLN B 347 -6.97 57.51 22.37
N ARG B 348 -5.65 57.39 22.56
CA ARG B 348 -5.09 56.50 23.61
C ARG B 348 -5.36 57.04 25.03
N VAL B 349 -6.59 56.95 25.51
CA VAL B 349 -6.87 57.29 26.92
C VAL B 349 -6.23 56.30 27.93
N GLY B 350 -6.35 54.98 27.72
CA GLY B 350 -6.14 53.99 28.80
C GLY B 350 -5.72 52.60 28.35
N GLU B 351 -6.14 51.58 29.12
CA GLU B 351 -6.13 50.18 28.64
C GLU B 351 -7.26 49.32 29.23
N ILE B 352 -7.70 48.36 28.42
CA ILE B 352 -8.74 47.39 28.74
C ILE B 352 -8.08 46.17 29.36
N GLU B 353 -8.70 45.66 30.43
CA GLU B 353 -8.11 44.61 31.26
C GLU B 353 -9.18 43.52 31.39
N LEU B 354 -9.02 42.42 30.66
CA LEU B 354 -10.07 41.41 30.60
C LEU B 354 -9.91 40.44 31.74
N TYR B 355 -10.98 40.25 32.50
CA TYR B 355 -11.00 39.35 33.65
C TYR B 355 -11.79 38.09 33.35
N ASP B 356 -11.29 36.96 33.88
CA ASP B 356 -12.06 35.76 34.09
C ASP B 356 -12.09 35.52 35.62
N ARG B 357 -13.29 35.55 36.21
CA ARG B 357 -13.47 35.57 37.67
C ARG B 357 -12.68 36.78 38.24
N ASP B 358 -11.69 36.51 39.10
CA ASP B 358 -10.85 37.53 39.72
C ASP B 358 -9.40 37.45 39.17
N LYS B 359 -9.23 36.91 37.97
CA LYS B 359 -7.89 36.82 37.36
C LYS B 359 -7.91 37.53 36.03
N GLN B 360 -6.96 38.47 35.87
CA GLN B 360 -6.76 39.19 34.62
C GLN B 360 -6.15 38.23 33.62
N VAL B 361 -6.67 38.26 32.40
CA VAL B 361 -6.19 37.43 31.31
C VAL B 361 -6.18 38.28 30.02
N ALA B 362 -5.01 38.73 29.61
CA ALA B 362 -4.87 39.67 28.48
C ALA B 362 -5.31 41.09 28.79
N HIS B 363 -4.86 41.99 27.90
CA HIS B 363 -4.90 43.42 28.13
C HIS B 363 -4.52 44.16 26.82
N TRP B 364 -5.25 45.23 26.49
CA TRP B 364 -5.08 45.94 25.21
C TRP B 364 -5.46 47.40 25.41
N PRO B 365 -4.97 48.32 24.54
CA PRO B 365 -5.21 49.74 24.78
C PRO B 365 -6.68 50.17 24.68
N LEU B 366 -6.99 51.34 25.24
CA LEU B 366 -8.33 51.89 25.30
C LEU B 366 -8.41 53.22 24.52
N VAL B 367 -9.39 53.32 23.62
CA VAL B 367 -9.45 54.28 22.52
C VAL B 367 -10.86 54.89 22.41
N THR B 368 -10.98 56.20 22.14
CA THR B 368 -12.29 56.85 21.99
C THR B 368 -13.25 56.56 23.18
#